data_5KMA
#
_entry.id   5KMA
#
_cell.length_a   78.069
_cell.length_b   46.461
_cell.length_c   64.134
_cell.angle_alpha   90.000
_cell.angle_beta   94.750
_cell.angle_gamma   90.000
#
_symmetry.space_group_name_H-M   'C 1 2 1'
#
loop_
_entity.id
_entity.type
_entity.pdbx_description
1 polymer 'Histidine triad nucleotide-binding protein 1'
2 non-polymer '[(2~{R},3~{S},4~{R},5~{R})-5-(2-azanyl-6-oxidanylidene-3~{H}-purin-9-yl)-3,4-bis(oxidanyl)oxolan-2-yl]methoxy-~{N}-ethyl-phosphonamidic acid'
3 non-polymer 'CHLORIDE ION'
4 water water
#
_entity_poly.entity_id   1
_entity_poly.type   'polypeptide(L)'
_entity_poly.pdbx_seq_one_letter_code
;SNAMADEIAKAQVARPGGDTIFGKIIRKEIPAKIIFEDDRCLAFHDISPQAPTHFLVIPKKHISQISVAEDDDESLLGHL
MIVGKKCAADLGLNKGYRMVVNEGSDGGQSVYHVNLHVLGGRQMHWPPG
;
_entity_poly.pdbx_strand_id   A,B
#
# COMPACT_ATOMS: atom_id res chain seq x y z
N ARG A 15 23.63 7.15 10.58
CA ARG A 15 22.71 7.90 11.42
C ARG A 15 21.34 7.24 11.41
N PRO A 16 20.61 7.33 12.54
CA PRO A 16 19.29 6.70 12.59
C PRO A 16 18.34 7.32 11.58
N GLY A 17 17.87 6.51 10.63
CA GLY A 17 16.97 6.96 9.60
C GLY A 17 17.59 7.06 8.22
N GLY A 18 18.93 7.02 8.15
CA GLY A 18 19.64 7.19 6.89
C GLY A 18 19.75 8.64 6.46
N ASP A 19 20.37 8.90 5.31
CA ASP A 19 20.55 10.29 4.89
C ASP A 19 19.77 10.65 3.63
N THR A 20 18.77 9.84 3.27
CA THR A 20 17.79 10.34 2.30
C THR A 20 17.08 11.53 2.93
N ILE A 21 16.34 12.28 2.10
CA ILE A 21 15.55 13.40 2.59
C ILE A 21 14.67 12.96 3.76
N PHE A 22 14.18 11.72 3.73
CA PHE A 22 13.27 11.25 4.76
C PHE A 22 14.01 11.00 6.07
N GLY A 23 15.27 10.59 6.00
CA GLY A 23 16.07 10.47 7.20
C GLY A 23 16.29 11.81 7.88
N LYS A 24 16.55 12.84 7.08
CA LYS A 24 16.73 14.20 7.57
C LYS A 24 15.46 14.68 8.25
N ILE A 25 14.32 14.38 7.65
CA ILE A 25 13.02 14.78 8.20
C ILE A 25 12.74 14.06 9.52
N ILE A 26 13.02 12.75 9.57
CA ILE A 26 12.88 11.99 10.82
C ILE A 26 13.71 12.62 11.96
N ARG A 27 14.92 13.08 11.67
CA ARG A 27 15.80 13.64 12.69
C ARG A 27 15.60 15.16 12.92
N LYS A 28 14.54 15.71 12.32
CA LYS A 28 14.20 17.12 12.46
C LYS A 28 15.30 18.05 11.92
N GLU A 29 16.07 17.58 10.95
CA GLU A 29 17.12 18.38 10.34
C GLU A 29 16.61 19.17 9.16
N ILE A 30 15.50 18.70 8.59
CA ILE A 30 14.80 19.38 7.51
C ILE A 30 13.33 19.44 7.91
N PRO A 31 12.69 20.62 7.75
CA PRO A 31 11.30 20.74 8.21
C PRO A 31 10.29 19.95 7.37
N ALA A 32 9.23 19.51 8.03
CA ALA A 32 8.10 18.90 7.35
C ALA A 32 6.83 19.23 8.13
N LYS A 33 5.69 19.03 7.50
CA LYS A 33 4.42 19.31 8.14
C LYS A 33 3.90 17.98 8.67
N ILE A 34 4.16 17.75 9.96
CA ILE A 34 3.92 16.44 10.55
C ILE A 34 2.49 16.28 11.02
N ILE A 35 1.92 15.12 10.72
CA ILE A 35 0.55 14.77 11.08
C ILE A 35 0.50 13.89 12.31
N PHE A 36 1.41 12.92 12.34
CA PHE A 36 1.47 11.91 13.40
C PHE A 36 2.88 11.38 13.55
N GLU A 37 3.27 11.06 14.78
CA GLU A 37 4.59 10.51 15.02
C GLU A 37 4.52 9.51 16.16
N ASP A 38 5.12 8.34 15.98
CA ASP A 38 5.37 7.46 17.11
C ASP A 38 6.78 6.84 16.99
N ASP A 39 7.07 5.82 17.79
CA ASP A 39 8.40 5.23 17.79
C ASP A 39 8.75 4.46 16.53
N ARG A 40 7.72 4.11 15.75
N ARG A 40 7.74 4.11 15.74
CA ARG A 40 7.89 3.26 14.59
CA ARG A 40 7.95 3.26 14.58
C ARG A 40 7.81 4.00 13.26
C ARG A 40 7.77 3.98 13.24
N CYS A 41 7.07 5.11 13.24
CA CYS A 41 6.78 5.76 11.97
C CYS A 41 6.48 7.24 12.09
N LEU A 42 6.37 7.88 10.93
CA LEU A 42 6.13 9.31 10.83
C LEU A 42 5.17 9.55 9.67
N ALA A 43 4.14 10.37 9.91
CA ALA A 43 3.22 10.76 8.83
C ALA A 43 3.32 12.27 8.60
N PHE A 44 3.48 12.68 7.35
CA PHE A 44 3.69 14.11 7.05
C PHE A 44 3.22 14.40 5.64
N HIS A 45 2.89 15.67 5.35
CA HIS A 45 2.33 16.01 4.06
C HIS A 45 3.37 15.97 2.95
N ASP A 46 2.93 15.58 1.75
CA ASP A 46 3.82 15.56 0.59
C ASP A 46 4.06 16.98 0.07
N ILE A 47 5.31 17.28 -0.25
CA ILE A 47 5.69 18.62 -0.72
C ILE A 47 5.17 18.88 -2.13
N SER A 48 4.85 17.82 -2.87
CA SER A 48 4.31 17.92 -4.22
C SER A 48 3.00 17.15 -4.34
N PRO A 49 1.95 17.67 -3.69
CA PRO A 49 0.71 16.90 -3.59
C PRO A 49 0.05 16.64 -4.94
N GLN A 50 -0.47 15.43 -5.09
CA GLN A 50 -1.12 14.99 -6.33
C GLN A 50 -2.63 14.92 -6.15
N ALA A 51 -3.09 15.29 -4.96
CA ALA A 51 -4.52 15.33 -4.65
C ALA A 51 -4.70 16.42 -3.61
N PRO A 52 -5.94 16.87 -3.39
CA PRO A 52 -6.16 17.94 -2.39
C PRO A 52 -5.58 17.60 -1.02
N THR A 53 -5.65 16.34 -0.61
CA THR A 53 -4.89 15.86 0.54
C THR A 53 -3.94 14.76 0.04
N HIS A 54 -2.66 14.89 0.36
CA HIS A 54 -1.66 13.92 -0.06
C HIS A 54 -0.57 13.89 1.00
N PHE A 55 -0.52 12.81 1.76
CA PHE A 55 0.52 12.67 2.76
C PHE A 55 1.25 11.34 2.66
N LEU A 56 2.32 11.23 3.43
CA LEU A 56 3.21 10.07 3.42
C LEU A 56 3.27 9.47 4.81
N VAL A 57 3.34 8.14 4.88
CA VAL A 57 3.68 7.45 6.12
C VAL A 57 4.95 6.65 5.87
N ILE A 58 5.99 6.91 6.68
CA ILE A 58 7.26 6.23 6.52
C ILE A 58 7.71 5.56 7.81
N PRO A 59 8.46 4.46 7.70
CA PRO A 59 9.05 3.89 8.92
C PRO A 59 10.19 4.76 9.41
N LYS A 60 10.45 4.78 10.71
CA LYS A 60 11.66 5.43 11.19
C LYS A 60 12.88 4.55 10.93
N LYS A 61 12.68 3.24 10.93
CA LYS A 61 13.71 2.30 10.50
C LYS A 61 13.93 2.47 9.00
N HIS A 62 15.18 2.65 8.57
CA HIS A 62 15.42 2.80 7.16
C HIS A 62 15.33 1.45 6.44
N ILE A 63 14.43 1.40 5.46
CA ILE A 63 14.30 0.29 4.52
C ILE A 63 14.29 0.96 3.17
N SER A 64 15.18 0.57 2.27
CA SER A 64 15.31 1.34 1.02
C SER A 64 14.09 1.25 0.11
N GLN A 65 13.45 0.09 0.06
CA GLN A 65 12.35 -0.14 -0.87
C GLN A 65 11.65 -1.42 -0.44
N ILE A 66 10.39 -1.56 -0.85
CA ILE A 66 9.61 -2.68 -0.37
C ILE A 66 10.19 -4.02 -0.85
N SER A 67 10.86 -4.03 -1.99
CA SER A 67 11.39 -5.29 -2.50
C SER A 67 12.48 -5.90 -1.61
N VAL A 68 13.06 -5.11 -0.70
CA VAL A 68 14.08 -5.62 0.20
C VAL A 68 13.63 -5.70 1.66
N ALA A 69 12.35 -5.43 1.93
CA ALA A 69 11.80 -5.59 3.28
C ALA A 69 11.97 -7.03 3.76
N GLU A 70 12.26 -7.19 5.04
CA GLU A 70 12.46 -8.54 5.60
C GLU A 70 11.15 -9.11 6.12
N ASP A 71 11.09 -10.44 6.27
CA ASP A 71 9.90 -11.07 6.85
C ASP A 71 9.49 -10.46 8.18
N ASP A 72 10.48 -10.09 9.00
CA ASP A 72 10.19 -9.55 10.32
C ASP A 72 9.69 -8.10 10.26
N ASP A 73 9.66 -7.52 9.05
CA ASP A 73 9.13 -6.17 8.89
C ASP A 73 7.62 -6.14 8.72
N GLU A 74 6.96 -7.29 8.84
CA GLU A 74 5.52 -7.37 8.60
C GLU A 74 4.70 -6.43 9.47
N SER A 75 4.91 -6.47 10.77
N SER A 75 4.91 -6.47 10.77
CA SER A 75 4.13 -5.63 11.68
CA SER A 75 4.14 -5.63 11.68
C SER A 75 4.36 -4.15 11.38
C SER A 75 4.36 -4.16 11.36
N LEU A 76 5.61 -3.80 11.08
CA LEU A 76 5.95 -2.42 10.79
C LEU A 76 5.25 -1.92 9.53
N LEU A 77 5.25 -2.73 8.48
CA LEU A 77 4.59 -2.37 7.23
C LEU A 77 3.09 -2.24 7.43
N GLY A 78 2.49 -3.18 8.15
CA GLY A 78 1.08 -3.06 8.49
C GLY A 78 0.78 -1.81 9.31
N HIS A 79 1.71 -1.46 10.20
CA HIS A 79 1.55 -0.27 11.02
C HIS A 79 1.47 0.99 10.16
N LEU A 80 2.23 1.03 9.08
CA LEU A 80 2.14 2.15 8.14
C LEU A 80 0.71 2.30 7.61
N MET A 81 0.06 1.20 7.30
CA MET A 81 -1.29 1.26 6.76
C MET A 81 -2.32 1.64 7.82
N ILE A 82 -2.15 1.09 9.02
CA ILE A 82 -3.06 1.43 10.11
C ILE A 82 -2.95 2.91 10.46
N VAL A 83 -1.72 3.40 10.55
CA VAL A 83 -1.49 4.83 10.81
C VAL A 83 -2.03 5.69 9.65
N GLY A 84 -1.81 5.23 8.42
CA GLY A 84 -2.35 5.89 7.25
C GLY A 84 -3.87 6.04 7.29
N LYS A 85 -4.57 4.95 7.59
CA LYS A 85 -6.03 5.01 7.61
C LYS A 85 -6.53 5.86 8.79
N LYS A 86 -5.83 5.82 9.92
CA LYS A 86 -6.23 6.66 11.05
C LYS A 86 -6.03 8.14 10.74
N CYS A 87 -4.88 8.47 10.16
CA CYS A 87 -4.62 9.85 9.77
C CYS A 87 -5.63 10.34 8.74
N ALA A 88 -6.02 9.49 7.79
CA ALA A 88 -7.00 9.86 6.78
C ALA A 88 -8.34 10.19 7.42
N ALA A 89 -8.74 9.39 8.40
CA ALA A 89 -9.97 9.71 9.14
C ALA A 89 -9.83 11.03 9.89
N ASP A 90 -8.69 11.24 10.53
CA ASP A 90 -8.45 12.47 11.31
C ASP A 90 -8.45 13.71 10.42
N LEU A 91 -8.07 13.52 9.15
CA LEU A 91 -8.01 14.61 8.17
C LEU A 91 -9.33 14.77 7.41
N GLY A 92 -10.35 14.04 7.81
CA GLY A 92 -11.68 14.19 7.23
C GLY A 92 -11.87 13.61 5.85
N LEU A 93 -11.07 12.61 5.48
CA LEU A 93 -11.21 11.98 4.16
C LEU A 93 -12.33 10.93 4.16
N ASN A 94 -13.53 11.39 4.47
CA ASN A 94 -14.68 10.51 4.67
C ASN A 94 -15.24 9.88 3.40
N LYS A 95 -14.88 10.43 2.24
CA LYS A 95 -15.36 9.86 0.97
C LYS A 95 -14.40 8.82 0.43
N GLY A 96 -13.26 8.66 1.08
CA GLY A 96 -12.30 7.63 0.68
C GLY A 96 -10.95 8.20 0.29
N TYR A 97 -10.07 7.31 -0.14
CA TYR A 97 -8.68 7.67 -0.44
C TYR A 97 -7.97 6.49 -1.09
N ARG A 98 -6.78 6.73 -1.60
CA ARG A 98 -5.97 5.70 -2.20
C ARG A 98 -4.61 5.64 -1.51
N MET A 99 -4.17 4.42 -1.21
CA MET A 99 -2.84 4.19 -0.66
C MET A 99 -1.96 3.61 -1.75
N VAL A 100 -0.71 4.08 -1.81
CA VAL A 100 0.22 3.67 -2.85
C VAL A 100 1.62 3.47 -2.29
N VAL A 101 2.26 2.35 -2.64
CA VAL A 101 3.70 2.19 -2.43
C VAL A 101 4.37 1.95 -3.77
N ASN A 102 5.37 2.75 -4.09
CA ASN A 102 6.11 2.62 -5.34
C ASN A 102 7.42 1.89 -5.16
N GLU A 103 7.67 0.88 -6.00
CA GLU A 103 8.92 0.15 -5.98
C GLU A 103 9.75 0.38 -7.25
N GLY A 104 10.96 0.89 -7.08
CA GLY A 104 11.89 0.99 -8.20
C GLY A 104 11.50 1.86 -9.37
N SER A 105 12.13 1.61 -10.51
CA SER A 105 12.00 2.49 -11.66
C SER A 105 10.61 2.44 -12.29
N ASP A 106 10.11 1.24 -12.54
CA ASP A 106 8.78 1.11 -13.13
C ASP A 106 7.70 1.55 -12.16
N GLY A 107 7.99 1.51 -10.86
CA GLY A 107 7.02 1.94 -9.86
C GLY A 107 6.98 3.44 -9.74
N GLY A 108 8.03 4.09 -10.23
CA GLY A 108 8.15 5.53 -10.12
C GLY A 108 8.74 6.01 -8.80
N GLN A 109 9.44 5.12 -8.10
CA GLN A 109 10.03 5.49 -6.82
C GLN A 109 11.11 6.56 -7.00
N SER A 110 11.10 7.58 -6.16
CA SER A 110 12.09 8.65 -6.28
C SER A 110 12.94 8.85 -5.01
N VAL A 111 12.44 8.37 -3.88
CA VAL A 111 13.18 8.44 -2.62
C VAL A 111 13.32 7.03 -2.10
N TYR A 112 14.55 6.55 -1.95
CA TYR A 112 14.74 5.15 -1.58
C TYR A 112 14.79 4.98 -0.06
N HIS A 113 13.62 5.28 0.51
CA HIS A 113 13.25 5.02 1.88
C HIS A 113 11.77 4.70 1.77
N VAL A 114 11.36 3.52 2.23
CA VAL A 114 9.99 3.05 2.02
C VAL A 114 8.97 4.11 2.45
N ASN A 115 8.00 4.39 1.58
CA ASN A 115 6.97 5.37 1.92
C ASN A 115 5.61 4.99 1.36
N LEU A 116 4.59 5.10 2.20
CA LEU A 116 3.22 4.85 1.81
C LEU A 116 2.53 6.19 1.51
N HIS A 117 2.04 6.38 0.29
CA HIS A 117 1.23 7.56 -0.04
C HIS A 117 -0.21 7.38 0.37
N VAL A 118 -0.83 8.43 0.90
CA VAL A 118 -2.28 8.46 1.07
C VAL A 118 -2.82 9.69 0.35
N LEU A 119 -3.70 9.47 -0.64
CA LEU A 119 -4.24 10.55 -1.47
C LEU A 119 -5.76 10.57 -1.40
N GLY A 120 -6.33 11.75 -1.20
CA GLY A 120 -7.77 11.87 -1.18
C GLY A 120 -8.21 13.31 -1.38
N GLY A 121 -9.51 13.53 -1.19
CA GLY A 121 -10.10 14.84 -1.38
C GLY A 121 -10.53 15.13 -2.81
N ARG A 122 -10.40 14.12 -3.67
CA ARG A 122 -10.94 14.16 -5.02
C ARG A 122 -11.20 12.73 -5.47
N GLN A 123 -11.94 12.59 -6.56
CA GLN A 123 -12.10 11.30 -7.17
C GLN A 123 -10.77 10.81 -7.73
N MET A 124 -10.29 9.65 -7.27
CA MET A 124 -9.13 9.02 -7.88
C MET A 124 -9.57 8.16 -9.06
N HIS A 125 -8.74 8.08 -10.09
CA HIS A 125 -9.11 7.42 -11.34
C HIS A 125 -8.45 6.06 -11.51
N TRP A 126 -8.94 5.30 -12.47
CA TRP A 126 -8.38 3.99 -12.81
C TRP A 126 -7.94 4.03 -14.26
N PRO A 127 -6.76 3.48 -14.58
CA PRO A 127 -5.78 2.78 -13.73
C PRO A 127 -5.05 3.73 -12.79
N PRO A 128 -4.40 3.20 -11.75
CA PRO A 128 -3.71 4.07 -10.79
C PRO A 128 -2.33 4.47 -11.30
N GLY A 129 -2.33 5.22 -12.41
CA GLY A 129 -1.09 5.53 -13.10
C GLY A 129 -0.77 4.43 -14.08
N GLY B 18 -21.30 -8.12 4.06
CA GLY B 18 -21.83 -9.05 3.07
C GLY B 18 -20.74 -9.70 2.24
N ASP B 19 -21.05 -10.87 1.69
CA ASP B 19 -20.09 -11.62 0.87
C ASP B 19 -19.77 -10.86 -0.41
N THR B 20 -18.59 -11.13 -0.96
CA THR B 20 -18.24 -10.56 -2.25
C THR B 20 -17.69 -11.63 -3.16
N ILE B 21 -17.43 -11.23 -4.40
CA ILE B 21 -16.87 -12.15 -5.37
C ILE B 21 -15.49 -12.66 -4.90
N PHE B 22 -14.76 -11.87 -4.11
CA PHE B 22 -13.47 -12.36 -3.62
C PHE B 22 -13.64 -13.45 -2.58
N GLY B 23 -14.75 -13.42 -1.84
CA GLY B 23 -15.11 -14.52 -0.96
C GLY B 23 -15.30 -15.80 -1.76
N LYS B 24 -15.99 -15.70 -2.88
CA LYS B 24 -16.21 -16.87 -3.75
C LYS B 24 -14.89 -17.43 -4.26
N ILE B 25 -13.96 -16.54 -4.58
CA ILE B 25 -12.67 -16.96 -5.09
C ILE B 25 -11.88 -17.69 -4.01
N ILE B 26 -11.87 -17.15 -2.79
CA ILE B 26 -11.22 -17.80 -1.66
C ILE B 26 -11.79 -19.20 -1.42
N ARG B 27 -13.11 -19.32 -1.52
CA ARG B 27 -13.77 -20.61 -1.29
C ARG B 27 -13.67 -21.56 -2.47
N LYS B 28 -13.03 -21.11 -3.55
CA LYS B 28 -12.81 -21.88 -4.77
C LYS B 28 -14.12 -22.20 -5.50
N GLU B 29 -15.14 -21.37 -5.25
CA GLU B 29 -16.43 -21.55 -5.89
C GLU B 29 -16.43 -21.04 -7.32
N ILE B 30 -15.58 -20.05 -7.61
CA ILE B 30 -15.38 -19.62 -8.99
C ILE B 30 -13.88 -19.54 -9.28
N PRO B 31 -13.50 -19.71 -10.56
CA PRO B 31 -12.07 -19.79 -10.85
C PRO B 31 -11.35 -18.44 -10.84
N ALA B 32 -10.07 -18.52 -10.51
CA ALA B 32 -9.13 -17.42 -10.66
C ALA B 32 -7.77 -18.03 -10.92
N LYS B 33 -6.87 -17.24 -11.51
CA LYS B 33 -5.52 -17.72 -11.75
C LYS B 33 -4.69 -17.43 -10.51
N ILE B 34 -4.55 -18.45 -9.66
CA ILE B 34 -3.94 -18.30 -8.35
C ILE B 34 -2.44 -18.36 -8.45
N ILE B 35 -1.79 -17.42 -7.78
CA ILE B 35 -0.35 -17.28 -7.77
C ILE B 35 0.25 -17.88 -6.50
N PHE B 36 -0.43 -17.62 -5.37
CA PHE B 36 0.08 -18.06 -4.07
C PHE B 36 -1.06 -18.18 -3.08
N GLU B 37 -0.93 -19.13 -2.16
CA GLU B 37 -1.91 -19.23 -1.08
C GLU B 37 -1.20 -19.66 0.20
N ASP B 38 -1.68 -19.17 1.34
CA ASP B 38 -1.27 -19.80 2.59
C ASP B 38 -2.49 -19.87 3.50
N ASP B 39 -2.30 -19.93 4.81
CA ASP B 39 -3.46 -20.12 5.68
C ASP B 39 -4.25 -18.83 5.92
N ARG B 40 -3.70 -17.69 5.50
CA ARG B 40 -4.32 -16.41 5.85
C ARG B 40 -4.45 -15.43 4.70
N CYS B 41 -4.01 -15.80 3.51
CA CYS B 41 -4.17 -14.92 2.36
C CYS B 41 -4.15 -15.69 1.04
N LEU B 42 -4.48 -14.96 -0.04
CA LEU B 42 -4.54 -15.52 -1.37
C LEU B 42 -4.06 -14.47 -2.36
N ALA B 43 -3.21 -14.88 -3.31
CA ALA B 43 -2.78 -13.97 -4.38
C ALA B 43 -3.20 -14.53 -5.71
N PHE B 44 -3.80 -13.70 -6.54
CA PHE B 44 -4.31 -14.14 -7.83
C PHE B 44 -4.34 -13.01 -8.85
N HIS B 45 -4.27 -13.36 -10.12
CA HIS B 45 -4.23 -12.35 -11.17
C HIS B 45 -5.57 -11.63 -11.28
N ASP B 46 -5.52 -10.33 -11.48
CA ASP B 46 -6.73 -9.52 -11.62
C ASP B 46 -7.40 -9.84 -12.97
N ILE B 47 -8.72 -10.02 -12.94
CA ILE B 47 -9.45 -10.34 -14.17
C ILE B 47 -9.47 -9.19 -15.17
N SER B 48 -9.26 -7.97 -14.68
CA SER B 48 -9.23 -6.79 -15.53
C SER B 48 -7.89 -6.09 -15.42
N PRO B 49 -6.82 -6.69 -15.97
CA PRO B 49 -5.47 -6.19 -15.68
C PRO B 49 -5.18 -4.84 -16.31
N GLN B 50 -4.52 -3.98 -15.53
CA GLN B 50 -4.22 -2.62 -15.94
C GLN B 50 -2.74 -2.44 -16.25
N ALA B 51 -2.02 -3.56 -16.23
CA ALA B 51 -0.59 -3.59 -16.55
C ALA B 51 -0.29 -5.00 -17.03
N PRO B 52 0.87 -5.21 -17.68
CA PRO B 52 1.16 -6.56 -18.17
C PRO B 52 1.15 -7.58 -17.04
N THR B 53 1.54 -7.15 -15.85
CA THR B 53 1.33 -7.95 -14.65
C THR B 53 0.48 -7.14 -13.67
N HIS B 54 -0.65 -7.72 -13.27
CA HIS B 54 -1.55 -7.06 -12.35
C HIS B 54 -2.25 -8.14 -11.53
N PHE B 55 -1.86 -8.27 -10.27
CA PHE B 55 -2.47 -9.25 -9.40
C PHE B 55 -2.91 -8.63 -8.08
N LEU B 56 -3.70 -9.39 -7.33
CA LEU B 56 -4.22 -8.96 -6.03
C LEU B 56 -3.72 -9.87 -4.93
N VAL B 57 -3.48 -9.29 -3.76
CA VAL B 57 -3.25 -10.10 -2.55
C VAL B 57 -4.34 -9.76 -1.56
N ILE B 58 -5.10 -10.75 -1.11
CA ILE B 58 -6.21 -10.49 -0.21
C ILE B 58 -6.14 -11.35 1.05
N PRO B 59 -6.60 -10.81 2.19
CA PRO B 59 -6.66 -11.64 3.38
C PRO B 59 -7.83 -12.61 3.29
N LYS B 60 -7.73 -13.74 3.97
CA LYS B 60 -8.86 -14.65 4.02
C LYS B 60 -9.90 -14.15 5.00
N LYS B 61 -9.44 -13.40 6.01
CA LYS B 61 -10.37 -12.70 6.91
C LYS B 61 -11.13 -11.61 6.15
N HIS B 62 -12.45 -11.59 6.27
CA HIS B 62 -13.21 -10.59 5.53
C HIS B 62 -13.19 -9.24 6.23
N ILE B 63 -12.17 -8.47 5.91
CA ILE B 63 -12.09 -7.05 6.26
C ILE B 63 -12.63 -6.30 5.05
N SER B 64 -13.69 -5.53 5.22
CA SER B 64 -14.36 -4.95 4.05
C SER B 64 -13.55 -3.86 3.38
N GLN B 65 -12.77 -3.13 4.16
CA GLN B 65 -12.03 -2.00 3.63
C GLN B 65 -10.99 -1.57 4.64
N ILE B 66 -9.94 -0.94 4.17
CA ILE B 66 -8.83 -0.62 5.06
C ILE B 66 -9.28 0.33 6.18
N SER B 67 -10.30 1.16 5.97
CA SER B 67 -10.69 2.11 7.02
C SER B 67 -11.26 1.42 8.27
N VAL B 68 -11.67 0.15 8.14
CA VAL B 68 -12.21 -0.54 9.32
C VAL B 68 -11.26 -1.61 9.86
N ALA B 69 -10.05 -1.69 9.30
CA ALA B 69 -9.04 -2.59 9.83
C ALA B 69 -8.72 -2.25 11.29
N GLU B 70 -8.57 -3.29 12.10
CA GLU B 70 -8.29 -3.13 13.52
C GLU B 70 -6.80 -3.16 13.80
N ASP B 71 -6.39 -2.68 14.96
CA ASP B 71 -4.99 -2.70 15.36
C ASP B 71 -4.38 -4.10 15.31
N ASP B 72 -5.17 -5.10 15.70
CA ASP B 72 -4.72 -6.49 15.75
C ASP B 72 -4.44 -7.03 14.35
N ASP B 73 -4.94 -6.32 13.34
CA ASP B 73 -4.75 -6.72 11.93
C ASP B 73 -3.41 -6.31 11.38
N GLU B 74 -2.60 -5.63 12.18
CA GLU B 74 -1.39 -5.01 11.67
C GLU B 74 -0.46 -5.96 10.95
N SER B 75 -0.13 -7.08 11.58
CA SER B 75 0.85 -7.95 10.98
C SER B 75 0.24 -8.69 9.77
N LEU B 76 -1.07 -8.92 9.79
CA LEU B 76 -1.75 -9.50 8.64
C LEU B 76 -1.65 -8.59 7.41
N LEU B 77 -1.89 -7.29 7.61
CA LEU B 77 -1.76 -6.35 6.50
C LEU B 77 -0.34 -6.32 5.98
N GLY B 78 0.62 -6.32 6.90
CA GLY B 78 2.01 -6.39 6.49
C GLY B 78 2.33 -7.68 5.74
N HIS B 79 1.70 -8.76 6.14
CA HIS B 79 1.84 -10.04 5.45
C HIS B 79 1.39 -9.95 3.99
N LEU B 80 0.30 -9.22 3.74
CA LEU B 80 -0.14 -9.01 2.36
C LEU B 80 0.96 -8.34 1.53
N MET B 81 1.64 -7.36 2.12
CA MET B 81 2.70 -6.65 1.41
C MET B 81 3.93 -7.52 1.20
N ILE B 82 4.30 -8.32 2.19
CA ILE B 82 5.45 -9.21 2.05
C ILE B 82 5.16 -10.30 1.00
N VAL B 83 3.96 -10.87 1.05
CA VAL B 83 3.54 -11.83 0.04
C VAL B 83 3.52 -11.17 -1.35
N GLY B 84 3.00 -9.95 -1.42
CA GLY B 84 2.95 -9.23 -2.68
C GLY B 84 4.33 -9.00 -3.28
N LYS B 85 5.27 -8.63 -2.42
CA LYS B 85 6.64 -8.38 -2.84
C LYS B 85 7.33 -9.66 -3.33
N LYS B 86 7.02 -10.78 -2.69
CA LYS B 86 7.65 -12.05 -3.06
C LYS B 86 7.06 -12.56 -4.38
N CYS B 87 5.74 -12.42 -4.54
CA CYS B 87 5.08 -12.80 -5.78
C CYS B 87 5.58 -11.95 -6.94
N ALA B 88 5.77 -10.65 -6.69
CA ALA B 88 6.26 -9.78 -7.75
C ALA B 88 7.65 -10.23 -8.22
N ALA B 89 8.52 -10.60 -7.28
CA ALA B 89 9.84 -11.10 -7.65
C ALA B 89 9.74 -12.40 -8.43
N ASP B 90 8.87 -13.30 -7.99
CA ASP B 90 8.66 -14.57 -8.67
C ASP B 90 8.08 -14.39 -10.07
N LEU B 91 7.34 -13.32 -10.28
CA LEU B 91 6.73 -13.06 -11.58
C LEU B 91 7.65 -12.21 -12.47
N GLY B 92 8.87 -12.00 -11.99
CA GLY B 92 9.90 -11.36 -12.81
C GLY B 92 9.88 -9.84 -12.90
N LEU B 93 9.23 -9.17 -11.95
CA LEU B 93 9.12 -7.72 -11.99
C LEU B 93 10.36 -7.03 -11.42
N ASN B 94 11.50 -7.25 -12.07
CA ASN B 94 12.77 -6.76 -11.55
C ASN B 94 13.01 -5.27 -11.82
N LYS B 95 12.17 -4.65 -12.64
CA LYS B 95 12.31 -3.23 -12.88
C LYS B 95 11.41 -2.42 -11.94
N GLY B 96 10.63 -3.12 -11.14
CA GLY B 96 9.79 -2.44 -10.16
C GLY B 96 8.30 -2.65 -10.39
N TYR B 97 7.49 -2.00 -9.57
CA TYR B 97 6.05 -2.21 -9.57
C TYR B 97 5.40 -1.21 -8.64
N ARG B 98 4.07 -1.14 -8.69
CA ARG B 98 3.31 -0.30 -7.77
C ARG B 98 2.30 -1.11 -6.97
N MET B 99 2.23 -0.84 -5.66
CA MET B 99 1.22 -1.44 -4.80
C MET B 99 0.14 -0.41 -4.50
N VAL B 100 -1.13 -0.84 -4.53
CA VAL B 100 -2.25 0.07 -4.32
C VAL B 100 -3.31 -0.56 -3.42
N VAL B 101 -3.81 0.20 -2.45
CA VAL B 101 -5.03 -0.17 -1.75
C VAL B 101 -6.04 0.96 -1.94
N ASN B 102 -7.23 0.63 -2.44
CA ASN B 102 -8.28 1.63 -2.60
C ASN B 102 -9.27 1.62 -1.45
N GLU B 103 -9.62 2.81 -0.97
CA GLU B 103 -10.67 2.94 0.05
C GLU B 103 -11.86 3.76 -0.44
N GLY B 104 -13.02 3.13 -0.46
CA GLY B 104 -14.27 3.85 -0.70
C GLY B 104 -14.45 4.45 -2.08
N SER B 105 -15.41 5.36 -2.17
CA SER B 105 -15.80 5.97 -3.43
C SER B 105 -14.68 6.78 -4.09
N ASP B 106 -14.11 7.72 -3.34
CA ASP B 106 -13.03 8.53 -3.89
C ASP B 106 -11.81 7.68 -4.22
N GLY B 107 -11.59 6.61 -3.47
CA GLY B 107 -10.46 5.73 -3.71
C GLY B 107 -10.67 4.81 -4.91
N GLY B 108 -11.89 4.78 -5.41
CA GLY B 108 -12.22 3.91 -6.53
C GLY B 108 -12.23 2.43 -6.16
N GLN B 109 -12.49 2.12 -4.89
CA GLN B 109 -12.56 0.74 -4.45
C GLN B 109 -13.67 0.00 -5.18
N SER B 110 -13.32 -1.12 -5.81
CA SER B 110 -14.28 -1.83 -6.66
C SER B 110 -14.90 -3.05 -5.99
N VAL B 111 -14.24 -3.60 -4.97
CA VAL B 111 -14.77 -4.72 -4.21
C VAL B 111 -14.55 -4.46 -2.73
N TYR B 112 -15.59 -4.65 -1.92
CA TYR B 112 -15.47 -4.36 -0.49
C TYR B 112 -14.98 -5.59 0.28
N HIS B 113 -13.75 -5.94 -0.08
CA HIS B 113 -12.93 -6.95 0.58
C HIS B 113 -11.54 -6.38 0.39
N VAL B 114 -10.83 -6.05 1.47
N VAL B 114 -10.82 -6.12 1.48
CA VAL B 114 -9.57 -5.33 1.30
CA VAL B 114 -9.49 -5.52 1.39
C VAL B 114 -8.63 -6.15 0.41
C VAL B 114 -8.64 -6.24 0.35
N ASN B 115 -8.07 -5.48 -0.59
CA ASN B 115 -7.23 -6.12 -1.58
C ASN B 115 -6.08 -5.23 -1.98
N LEU B 116 -4.88 -5.82 -1.98
CA LEU B 116 -3.66 -5.13 -2.34
C LEU B 116 -3.36 -5.40 -3.83
N HIS B 117 -3.44 -4.35 -4.66
CA HIS B 117 -3.05 -4.44 -6.07
C HIS B 117 -1.54 -4.41 -6.20
N VAL B 118 -1.00 -5.24 -7.09
CA VAL B 118 0.40 -5.12 -7.47
C VAL B 118 0.48 -5.06 -8.99
N LEU B 119 0.98 -3.94 -9.52
CA LEU B 119 1.04 -3.71 -10.96
C LEU B 119 2.47 -3.49 -11.44
N GLY B 120 2.84 -4.13 -12.54
CA GLY B 120 4.14 -3.89 -13.13
C GLY B 120 4.22 -4.40 -14.55
N GLY B 121 5.45 -4.40 -15.07
CA GLY B 121 5.68 -4.81 -16.46
C GLY B 121 5.51 -3.67 -17.45
N ARG B 122 5.29 -2.48 -16.92
CA ARG B 122 5.26 -1.24 -17.68
C ARG B 122 5.62 -0.10 -16.77
N GLN B 123 5.96 1.05 -17.35
CA GLN B 123 6.15 2.24 -16.54
C GLN B 123 4.83 2.66 -15.91
N MET B 124 4.80 2.76 -14.59
CA MET B 124 3.65 3.33 -13.90
C MET B 124 3.82 4.84 -13.80
N HIS B 125 2.73 5.59 -13.91
CA HIS B 125 2.82 7.03 -14.09
C HIS B 125 2.39 7.81 -12.84
N TRP B 126 2.61 9.12 -12.89
CA TRP B 126 2.32 9.99 -11.75
C TRP B 126 1.50 11.15 -12.29
N PRO B 127 0.36 11.48 -11.66
CA PRO B 127 -0.23 10.94 -10.43
C PRO B 127 -0.75 9.51 -10.57
N PRO B 128 -0.92 8.80 -9.45
CA PRO B 128 -1.39 7.41 -9.47
C PRO B 128 -2.90 7.36 -9.57
N GLY B 129 -3.45 7.94 -10.63
CA GLY B 129 -4.88 8.10 -10.75
C GLY B 129 -5.32 9.46 -10.24
#